data_1G55
#
_entry.id   1G55
#
_cell.length_a   116.5
_cell.length_b   116.5
_cell.length_c   69.8
_cell.angle_alpha   90.00
_cell.angle_beta   90.00
_cell.angle_gamma   90.00
#
_symmetry.space_group_name_H-M   'I 41'
#
loop_
_entity.id
_entity.type
_entity.pdbx_description
1 polymer 'DNA CYTOSINE METHYLTRANSFERASE DNMT2'
2 non-polymer 'SULFATE ION'
3 non-polymer S-ADENOSYL-L-HOMOCYSTEINE
4 non-polymer BETA-MERCAPTOETHANOL
5 non-polymer GLYCEROL
6 water water
#
_entity_poly.entity_id   1
_entity_poly.type   'polypeptide(L)'
_entity_poly.pdbx_seq_one_letter_code
;EPLRVLELYSGVGGMHHALRESCIPAQVVAAIDVNTVANEVYKYNFPHTQLLAKTIEGITLEEFDRLSFDMILMSPPCQP
FTRIGRQGDMTDSRTNSFLHILDILPRLQKLPKYILLENVKGFEVSSTRDLLIQTIEN(CSO)GFQYQEFLLSPTSLGIP
NSRLRYFLIAKLQSEPLPFQAPGQVLMEFPKIEIHRKNQQDSDLSVKMLKDFLEDDTDVNQYLLPPKSLLRYALLLDIVQ
PT(CSO)RRSVCFTKGYGSYIEGTGSVLQTAEDVQVENIYKSLTNLSQEEQITKLLILKLRYFTPKEIANLLGFPPEFGF
PEKITVKQRYRLLGNSLNVHVVAKLIKILYE
;
_entity_poly.pdbx_strand_id   A
#
# COMPACT_ATOMS: atom_id res chain seq x y z
N GLU A 1 2.66 -25.98 -14.62
CA GLU A 1 3.66 -25.56 -13.59
C GLU A 1 3.24 -24.16 -13.14
N PRO A 2 3.57 -23.78 -11.88
CA PRO A 2 3.22 -22.46 -11.34
C PRO A 2 3.91 -21.31 -12.07
N LEU A 3 3.20 -20.19 -12.17
CA LEU A 3 3.73 -19.00 -12.82
C LEU A 3 4.93 -18.51 -12.04
N ARG A 4 5.92 -18.03 -12.78
CA ARG A 4 7.14 -17.50 -12.18
C ARG A 4 6.92 -15.98 -12.11
N VAL A 5 6.81 -15.48 -10.88
CA VAL A 5 6.56 -14.06 -10.64
C VAL A 5 7.78 -13.20 -10.27
N LEU A 6 7.97 -12.13 -11.02
CA LEU A 6 9.05 -11.19 -10.76
C LEU A 6 8.41 -10.04 -9.98
N GLU A 7 8.93 -9.74 -8.79
CA GLU A 7 8.40 -8.67 -7.95
C GLU A 7 9.40 -7.50 -7.91
N LEU A 8 9.13 -6.45 -8.68
CA LEU A 8 10.04 -5.31 -8.74
C LEU A 8 9.63 -4.22 -7.76
N TYR A 9 10.62 -3.52 -7.22
CA TYR A 9 10.38 -2.44 -6.25
C TYR A 9 9.63 -3.10 -5.11
N SER A 10 10.13 -4.26 -4.68
CA SER A 10 9.48 -5.07 -3.66
C SER A 10 9.11 -4.50 -2.29
N GLY A 11 9.93 -3.60 -1.74
CA GLY A 11 9.65 -3.01 -0.43
C GLY A 11 9.48 -4.04 0.68
N VAL A 12 8.38 -3.96 1.45
CA VAL A 12 8.08 -4.94 2.51
C VAL A 12 7.33 -6.17 1.94
N GLY A 13 7.15 -6.18 0.62
CA GLY A 13 6.51 -7.30 -0.05
C GLY A 13 5.01 -7.33 -0.17
N GLY A 14 4.37 -6.16 -0.29
CA GLY A 14 2.93 -6.12 -0.45
C GLY A 14 2.45 -6.92 -1.65
N MET A 15 3.17 -6.89 -2.77
CA MET A 15 2.79 -7.65 -3.97
C MET A 15 2.83 -9.13 -3.70
N HIS A 16 3.87 -9.59 -3.01
CA HIS A 16 4.00 -11.00 -2.67
C HIS A 16 2.83 -11.43 -1.76
N HIS A 17 2.53 -10.62 -0.74
CA HIS A 17 1.41 -10.94 0.13
C HIS A 17 0.09 -11.02 -0.65
N ALA A 18 -0.07 -10.13 -1.63
CA ALA A 18 -1.27 -10.10 -2.48
C ALA A 18 -1.32 -11.34 -3.35
N LEU A 19 -0.16 -11.76 -3.85
CA LEU A 19 -0.07 -12.97 -4.69
C LEU A 19 -0.52 -14.22 -3.92
N ARG A 20 -0.10 -14.33 -2.66
CA ARG A 20 -0.49 -15.45 -1.81
C ARG A 20 -1.99 -15.44 -1.54
N GLU A 21 -2.55 -14.25 -1.27
CA GLU A 21 -3.99 -14.14 -1.02
C GLU A 21 -4.85 -14.46 -2.24
N SER A 22 -4.37 -14.10 -3.44
CA SER A 22 -5.10 -14.37 -4.69
C SER A 22 -5.39 -15.86 -4.94
N CYS A 23 -4.56 -16.74 -4.34
CA CYS A 23 -4.70 -18.19 -4.45
C CYS A 23 -4.31 -18.76 -5.81
N ILE A 24 -3.79 -17.93 -6.72
CA ILE A 24 -3.40 -18.39 -8.05
C ILE A 24 -2.10 -19.19 -7.99
N PRO A 25 -1.92 -20.19 -8.90
CA PRO A 25 -0.72 -21.05 -8.96
C PRO A 25 0.46 -20.21 -9.38
N ALA A 26 1.19 -19.66 -8.42
CA ALA A 26 2.31 -18.79 -8.76
C ALA A 26 3.24 -18.68 -7.60
N GLN A 27 4.49 -18.34 -7.88
CA GLN A 27 5.45 -18.16 -6.83
C GLN A 27 6.44 -17.08 -7.29
N VAL A 28 6.90 -16.28 -6.33
CA VAL A 28 7.86 -15.20 -6.60
C VAL A 28 9.24 -15.80 -6.83
N VAL A 29 9.78 -15.63 -8.02
CA VAL A 29 11.10 -16.16 -8.34
C VAL A 29 12.19 -15.14 -8.00
N ALA A 30 11.84 -13.86 -8.04
CA ALA A 30 12.78 -12.81 -7.67
C ALA A 30 12.06 -11.54 -7.23
N ALA A 31 12.47 -11.04 -6.08
CA ALA A 31 11.96 -9.78 -5.55
C ALA A 31 13.18 -8.83 -5.70
N ILE A 32 12.98 -7.60 -6.19
CA ILE A 32 14.13 -6.69 -6.35
C ILE A 32 13.91 -5.31 -5.72
N ASP A 33 14.90 -4.87 -4.93
CA ASP A 33 14.84 -3.55 -4.28
C ASP A 33 16.26 -3.18 -3.78
N VAL A 34 16.62 -1.90 -3.81
CA VAL A 34 17.95 -1.47 -3.31
C VAL A 34 17.96 -1.11 -1.82
N ASN A 35 16.81 -0.71 -1.32
CA ASN A 35 16.67 -0.29 0.08
C ASN A 35 16.96 -1.42 1.06
N THR A 36 18.09 -1.32 1.75
CA THR A 36 18.49 -2.36 2.71
C THR A 36 17.55 -2.51 3.89
N VAL A 37 16.86 -1.45 4.27
CA VAL A 37 15.91 -1.52 5.38
C VAL A 37 14.65 -2.29 4.94
N ALA A 38 14.14 -1.98 3.76
CA ALA A 38 12.98 -2.69 3.23
C ALA A 38 13.30 -4.17 3.07
N ASN A 39 14.51 -4.46 2.56
CA ASN A 39 14.98 -5.83 2.32
C ASN A 39 15.09 -6.68 3.58
N GLU A 40 15.48 -6.08 4.71
CA GLU A 40 15.59 -6.82 5.97
C GLU A 40 14.17 -7.24 6.40
N VAL A 41 13.18 -6.39 6.13
CA VAL A 41 11.79 -6.69 6.48
C VAL A 41 11.25 -7.76 5.53
N TYR A 42 11.54 -7.61 4.24
CA TYR A 42 11.11 -8.57 3.24
C TYR A 42 11.66 -9.98 3.59
N LYS A 43 12.99 -10.10 3.76
CA LYS A 43 13.66 -11.36 4.08
C LYS A 43 13.12 -11.96 5.37
N TYR A 44 12.90 -11.11 6.36
CA TYR A 44 12.36 -11.55 7.64
C TYR A 44 11.03 -12.28 7.46
N ASN A 45 10.16 -11.77 6.59
CA ASN A 45 8.85 -12.38 6.37
C ASN A 45 8.83 -13.45 5.29
N PHE A 46 9.74 -13.32 4.32
CA PHE A 46 9.88 -14.22 3.18
C PHE A 46 11.34 -14.72 3.11
N PRO A 47 11.74 -15.56 4.08
CA PRO A 47 13.10 -16.08 4.12
C PRO A 47 13.53 -17.00 2.98
N HIS A 48 12.56 -17.58 2.25
CA HIS A 48 12.85 -18.52 1.17
C HIS A 48 12.63 -17.96 -0.24
N THR A 49 12.56 -16.63 -0.33
CA THR A 49 12.34 -15.97 -1.61
C THR A 49 13.62 -15.28 -2.02
N GLN A 50 14.04 -15.48 -3.25
CA GLN A 50 15.24 -14.83 -3.76
C GLN A 50 15.05 -13.28 -3.83
N LEU A 51 15.90 -12.58 -3.10
CA LEU A 51 15.86 -11.14 -3.02
C LEU A 51 17.13 -10.58 -3.65
N LEU A 52 16.96 -9.68 -4.61
CA LEU A 52 18.09 -9.08 -5.28
C LEU A 52 18.22 -7.62 -4.87
N ALA A 53 19.20 -7.31 -4.04
CA ALA A 53 19.46 -5.94 -3.59
C ALA A 53 20.29 -5.23 -4.66
N LYS A 54 19.64 -4.88 -5.77
CA LYS A 54 20.31 -4.26 -6.88
C LYS A 54 19.44 -3.20 -7.51
N THR A 55 20.06 -2.29 -8.25
CA THR A 55 19.30 -1.26 -8.96
C THR A 55 18.64 -1.99 -10.13
N ILE A 56 17.37 -1.69 -10.39
CA ILE A 56 16.61 -2.32 -11.46
C ILE A 56 17.16 -1.92 -12.84
N GLU A 57 17.76 -0.74 -12.90
CA GLU A 57 18.35 -0.21 -14.13
C GLU A 57 19.58 -1.00 -14.51
N GLY A 58 20.29 -1.50 -13.51
CA GLY A 58 21.49 -2.28 -13.75
C GLY A 58 21.30 -3.74 -14.09
N ILE A 59 20.07 -4.23 -14.09
CA ILE A 59 19.82 -5.63 -14.43
C ILE A 59 19.86 -5.78 -15.95
N THR A 60 20.70 -6.69 -16.45
CA THR A 60 20.85 -6.91 -17.89
C THR A 60 19.73 -7.82 -18.40
N LEU A 61 19.56 -7.87 -19.72
CA LEU A 61 18.54 -8.70 -20.33
C LEU A 61 18.75 -10.16 -20.02
N GLU A 62 20.03 -10.56 -19.93
CA GLU A 62 20.40 -11.95 -19.66
C GLU A 62 19.88 -12.36 -18.30
N GLU A 63 20.05 -11.48 -17.32
CA GLU A 63 19.59 -11.72 -15.96
C GLU A 63 18.07 -11.88 -15.96
N PHE A 64 17.37 -11.00 -16.68
CA PHE A 64 15.92 -11.07 -16.78
C PHE A 64 15.49 -12.36 -17.49
N ASP A 65 16.25 -12.75 -18.51
CA ASP A 65 15.94 -13.97 -19.25
C ASP A 65 16.12 -15.20 -18.40
N ARG A 66 17.15 -15.21 -17.55
CA ARG A 66 17.43 -16.34 -16.67
C ARG A 66 16.33 -16.51 -15.60
N LEU A 67 15.61 -15.43 -15.32
CA LEU A 67 14.52 -15.46 -14.35
C LEU A 67 13.28 -16.09 -14.98
N SER A 68 13.16 -15.96 -16.30
CA SER A 68 12.05 -16.55 -17.06
C SER A 68 10.72 -16.37 -16.35
N PHE A 69 10.34 -15.12 -16.17
CA PHE A 69 9.12 -14.81 -15.46
C PHE A 69 7.89 -14.71 -16.35
N ASP A 70 6.77 -15.17 -15.81
CA ASP A 70 5.47 -15.14 -16.49
C ASP A 70 4.56 -14.03 -16.03
N MET A 71 4.94 -13.32 -14.97
CA MET A 71 4.15 -12.22 -14.43
C MET A 71 5.04 -11.17 -13.80
N ILE A 72 4.73 -9.90 -14.02
CA ILE A 72 5.48 -8.84 -13.38
C ILE A 72 4.51 -8.13 -12.45
N LEU A 73 4.92 -7.93 -11.21
CA LEU A 73 4.12 -7.20 -10.22
C LEU A 73 5.06 -6.08 -9.82
N MET A 74 4.62 -4.84 -9.96
CA MET A 74 5.49 -3.73 -9.67
C MET A 74 4.84 -2.43 -9.15
N SER A 75 5.57 -1.70 -8.31
CA SER A 75 5.10 -0.41 -7.78
C SER A 75 6.23 0.59 -7.95
N PRO A 76 6.52 1.00 -9.21
CA PRO A 76 7.61 1.97 -9.44
C PRO A 76 7.30 3.27 -8.69
N PRO A 77 8.32 3.86 -8.04
CA PRO A 77 8.17 5.10 -7.27
C PRO A 77 7.40 6.21 -7.98
N ASN A 96 13.76 5.96 -15.45
CA ASN A 96 15.04 5.26 -15.59
C ASN A 96 14.91 3.75 -15.34
N SER A 97 14.81 3.33 -14.08
CA SER A 97 14.61 1.90 -13.80
C SER A 97 13.34 1.44 -14.56
N PHE A 98 12.29 2.26 -14.49
CA PHE A 98 11.04 1.94 -15.16
C PHE A 98 11.21 1.94 -16.67
N LEU A 99 11.90 2.93 -17.21
CA LEU A 99 12.11 2.99 -18.66
C LEU A 99 12.92 1.76 -19.12
N HIS A 100 13.82 1.30 -18.25
CA HIS A 100 14.63 0.14 -18.54
C HIS A 100 13.74 -1.11 -18.67
N ILE A 101 12.81 -1.27 -17.74
CA ILE A 101 11.87 -2.39 -17.74
C ILE A 101 11.14 -2.35 -19.06
N LEU A 102 10.69 -1.16 -19.45
CA LEU A 102 9.99 -0.97 -20.71
C LEU A 102 10.88 -1.28 -21.92
N ASP A 103 12.17 -1.03 -21.79
CA ASP A 103 13.11 -1.28 -22.87
C ASP A 103 13.42 -2.78 -22.99
N ILE A 104 13.42 -3.45 -21.84
CA ILE A 104 13.71 -4.87 -21.73
C ILE A 104 12.59 -5.76 -22.29
N LEU A 105 11.36 -5.38 -21.99
CA LEU A 105 10.19 -6.15 -22.41
C LEU A 105 10.21 -6.75 -23.85
N PRO A 106 10.42 -5.91 -24.90
CA PRO A 106 10.44 -6.46 -26.27
C PRO A 106 11.70 -7.27 -26.65
N ARG A 107 12.64 -7.41 -25.71
CA ARG A 107 13.86 -8.14 -25.96
C ARG A 107 13.93 -9.44 -25.19
N LEU A 108 12.99 -9.64 -24.26
CA LEU A 108 12.93 -10.87 -23.48
C LEU A 108 12.66 -12.08 -24.37
N GLN A 109 13.34 -13.18 -24.08
CA GLN A 109 13.17 -14.42 -24.81
C GLN A 109 11.72 -14.89 -24.64
N LYS A 110 11.15 -14.67 -23.45
CA LYS A 110 9.76 -15.04 -23.15
C LYS A 110 9.04 -13.85 -22.53
N LEU A 111 8.04 -13.33 -23.23
CA LEU A 111 7.28 -12.20 -22.71
C LEU A 111 6.46 -12.71 -21.54
N PRO A 112 6.31 -11.88 -20.49
CA PRO A 112 5.51 -12.34 -19.36
C PRO A 112 4.04 -12.30 -19.82
N LYS A 113 3.22 -13.26 -19.41
CA LYS A 113 1.82 -13.27 -19.82
C LYS A 113 1.02 -12.23 -19.01
N TYR A 114 1.50 -11.90 -17.82
CA TYR A 114 0.80 -10.97 -16.95
C TYR A 114 1.64 -9.82 -16.41
N ILE A 115 1.00 -8.67 -16.27
CA ILE A 115 1.63 -7.48 -15.70
C ILE A 115 0.61 -6.75 -14.81
N LEU A 116 1.05 -6.39 -13.60
CA LEU A 116 0.21 -5.64 -12.69
C LEU A 116 1.09 -4.55 -12.15
N LEU A 117 0.65 -3.31 -12.33
CA LEU A 117 1.38 -2.15 -11.86
C LEU A 117 0.51 -1.29 -10.98
N GLU A 118 1.12 -0.77 -9.92
CA GLU A 118 0.43 0.08 -8.98
C GLU A 118 1.18 1.41 -8.97
N ASN A 119 0.42 2.50 -8.94
CA ASN A 119 1.01 3.84 -8.87
C ASN A 119 0.04 4.81 -8.18
N VAL A 120 0.34 6.10 -8.20
CA VAL A 120 -0.52 7.07 -7.54
C VAL A 120 -1.48 7.77 -8.49
N LYS A 121 -2.53 8.36 -7.90
CA LYS A 121 -3.56 9.10 -8.63
C LYS A 121 -2.80 10.17 -9.43
N GLY A 122 -3.16 10.31 -10.71
CA GLY A 122 -2.50 11.28 -11.57
C GLY A 122 -1.62 10.61 -12.59
N PHE A 123 -1.08 9.44 -12.25
CA PHE A 123 -0.22 8.69 -13.16
C PHE A 123 -0.94 8.38 -14.47
N GLU A 124 -2.25 8.14 -14.38
CA GLU A 124 -3.07 7.79 -15.53
C GLU A 124 -3.09 8.79 -16.67
N VAL A 125 -2.60 9.99 -16.42
CA VAL A 125 -2.58 11.07 -17.42
C VAL A 125 -1.14 11.48 -17.77
N SER A 126 -0.16 10.84 -17.14
CA SER A 126 1.26 11.14 -17.34
C SER A 126 1.91 10.62 -18.63
N SER A 127 3.07 11.19 -18.97
CA SER A 127 3.79 10.77 -20.16
C SER A 127 4.33 9.37 -19.98
N THR A 128 4.82 9.08 -18.77
CA THR A 128 5.38 7.76 -18.44
C THR A 128 4.34 6.66 -18.70
N ARG A 129 3.09 6.95 -18.33
CA ARG A 129 1.95 6.05 -18.52
C ARG A 129 1.71 5.84 -20.02
N ASP A 130 1.84 6.90 -20.80
CA ASP A 130 1.65 6.83 -22.24
C ASP A 130 2.68 5.90 -22.88
N LEU A 131 3.92 5.92 -22.38
CA LEU A 131 4.99 5.04 -22.85
C LEU A 131 4.69 3.58 -22.51
N LEU A 132 4.30 3.36 -21.25
CA LEU A 132 3.96 2.03 -20.76
C LEU A 132 2.88 1.39 -21.64
N ILE A 133 1.80 2.12 -21.88
CA ILE A 133 0.69 1.64 -22.69
C ILE A 133 1.14 1.38 -24.14
N GLN A 134 1.92 2.28 -24.72
CA GLN A 134 2.40 2.06 -26.09
C GLN A 134 3.23 0.75 -26.15
N THR A 135 4.15 0.59 -25.21
CA THR A 135 4.99 -0.59 -25.15
C THR A 135 4.15 -1.84 -25.06
N ILE A 136 3.25 -1.90 -24.07
CA ILE A 136 2.44 -3.09 -23.90
C ILE A 136 1.46 -3.35 -25.02
N GLU A 137 0.92 -2.31 -25.63
CA GLU A 137 0.05 -2.52 -26.76
C GLU A 137 0.86 -3.14 -27.90
N ASN A 138 2.04 -2.58 -28.18
CA ASN A 138 2.92 -3.08 -29.26
C ASN A 138 3.32 -4.54 -29.03
N GLY A 140 1.28 -6.78 -27.73
CA GLY A 140 0.10 -7.65 -27.73
C GLY A 140 -0.66 -7.85 -26.43
N PHE A 141 -0.46 -6.95 -25.47
CA PHE A 141 -1.16 -7.04 -24.20
C PHE A 141 -2.52 -6.34 -24.22
N GLN A 142 -3.50 -6.99 -23.61
CA GLN A 142 -4.83 -6.43 -23.40
C GLN A 142 -4.71 -5.88 -21.97
N TYR A 143 -5.19 -4.66 -21.73
CA TYR A 143 -5.06 -4.08 -20.40
C TYR A 143 -6.30 -3.30 -20.01
N GLN A 144 -6.32 -2.89 -18.74
CA GLN A 144 -7.39 -2.09 -18.19
C GLN A 144 -6.77 -1.33 -17.03
N GLU A 145 -7.03 -0.03 -16.95
CA GLU A 145 -6.53 0.81 -15.86
C GLU A 145 -7.64 1.04 -14.85
N PHE A 146 -7.25 1.22 -13.59
CA PHE A 146 -8.17 1.43 -12.49
C PHE A 146 -7.64 2.46 -11.50
N LEU A 147 -8.55 3.07 -10.75
CA LEU A 147 -8.22 3.98 -9.64
C LEU A 147 -9.13 3.40 -8.55
N LEU A 148 -8.54 2.65 -7.61
CA LEU A 148 -9.29 1.98 -6.57
C LEU A 148 -8.83 2.29 -5.16
N SER A 149 -9.76 2.25 -4.21
CA SER A 149 -9.45 2.49 -2.80
C SER A 149 -9.97 1.29 -2.01
N PRO A 150 -9.32 0.95 -0.88
CA PRO A 150 -9.77 -0.20 -0.08
C PRO A 150 -11.22 -0.11 0.42
N THR A 151 -11.77 1.09 0.45
CA THR A 151 -13.14 1.24 0.91
C THR A 151 -14.12 0.48 0.00
N SER A 152 -13.72 0.22 -1.25
CA SER A 152 -14.56 -0.53 -2.18
C SER A 152 -14.65 -1.99 -1.75
N LEU A 153 -13.75 -2.42 -0.87
CA LEU A 153 -13.77 -3.78 -0.36
C LEU A 153 -14.20 -3.85 1.12
N GLY A 154 -14.83 -2.79 1.62
CA GLY A 154 -15.27 -2.81 3.00
C GLY A 154 -14.18 -2.58 4.03
N ILE A 155 -13.03 -2.06 3.61
CA ILE A 155 -11.95 -1.76 4.52
C ILE A 155 -12.09 -0.28 4.89
N PRO A 156 -12.17 0.04 6.20
CA PRO A 156 -12.32 1.42 6.67
C PRO A 156 -11.05 2.27 6.55
N ASN A 157 -10.49 2.37 5.35
CA ASN A 157 -9.29 3.18 5.17
C ASN A 157 -9.17 3.59 3.72
N SER A 158 -9.01 4.88 3.49
CA SER A 158 -8.87 5.41 2.15
C SER A 158 -7.42 5.25 1.66
N ARG A 159 -7.26 4.86 0.40
CA ARG A 159 -5.95 4.72 -0.20
C ARG A 159 -6.14 4.60 -1.69
N LEU A 160 -6.62 5.68 -2.29
CA LEU A 160 -6.87 5.70 -3.72
C LEU A 160 -5.54 5.55 -4.48
N ARG A 161 -5.44 4.50 -5.28
CA ARG A 161 -4.24 4.23 -6.06
C ARG A 161 -4.59 3.87 -7.51
N TYR A 162 -3.59 4.03 -8.38
CA TYR A 162 -3.73 3.68 -9.78
C TYR A 162 -3.32 2.20 -9.94
N PHE A 163 -3.99 1.49 -10.83
CA PHE A 163 -3.64 0.10 -11.07
C PHE A 163 -3.81 -0.18 -12.55
N LEU A 164 -2.86 -0.92 -13.12
CA LEU A 164 -2.93 -1.31 -14.50
C LEU A 164 -2.73 -2.83 -14.49
N ILE A 165 -3.69 -3.56 -15.05
CA ILE A 165 -3.56 -5.01 -15.19
C ILE A 165 -3.48 -5.27 -16.72
N ALA A 166 -2.58 -6.17 -17.12
CA ALA A 166 -2.38 -6.50 -18.52
C ALA A 166 -2.18 -8.00 -18.68
N LYS A 167 -2.75 -8.54 -19.75
CA LYS A 167 -2.71 -9.96 -20.03
C LYS A 167 -2.38 -10.17 -21.49
N LEU A 168 -1.41 -11.04 -21.74
CA LEU A 168 -0.98 -11.35 -23.09
C LEU A 168 -1.96 -12.33 -23.72
N GLN A 169 -2.85 -11.78 -24.55
CA GLN A 169 -3.86 -12.56 -25.24
C GLN A 169 -4.47 -11.70 -26.34
N SER A 170 -5.28 -12.31 -27.22
CA SER A 170 -5.89 -11.56 -28.31
C SER A 170 -7.25 -10.94 -28.00
N GLU A 171 -8.06 -11.62 -27.20
CA GLU A 171 -9.38 -11.08 -26.86
C GLU A 171 -9.30 -10.15 -25.65
N PRO A 172 -10.01 -9.03 -25.69
CA PRO A 172 -10.03 -8.09 -24.57
C PRO A 172 -10.52 -8.75 -23.29
N LEU A 173 -10.20 -8.14 -22.16
CA LEU A 173 -10.66 -8.63 -20.87
C LEU A 173 -12.17 -8.38 -20.99
N PRO A 174 -13.00 -9.27 -20.43
CA PRO A 174 -14.47 -9.14 -20.50
C PRO A 174 -15.08 -7.80 -20.02
N PHE A 175 -14.49 -7.25 -18.96
CA PHE A 175 -14.91 -6.01 -18.31
C PHE A 175 -14.24 -4.75 -18.86
N GLN A 176 -13.49 -4.90 -19.94
CA GLN A 176 -12.79 -3.79 -20.52
C GLN A 176 -13.67 -2.60 -20.89
N ALA A 177 -13.15 -1.41 -20.63
CA ALA A 177 -13.77 -0.13 -20.92
C ALA A 177 -12.67 0.68 -21.59
N PRO A 178 -12.57 0.59 -22.93
CA PRO A 178 -11.56 1.28 -23.72
C PRO A 178 -11.48 2.79 -23.47
N GLY A 179 -10.26 3.30 -23.31
CA GLY A 179 -10.09 4.73 -23.09
C GLY A 179 -10.65 5.22 -21.77
N GLN A 180 -10.85 4.30 -20.82
CA GLN A 180 -11.38 4.69 -19.52
C GLN A 180 -10.67 4.02 -18.35
N VAL A 181 -10.66 4.74 -17.23
CA VAL A 181 -10.07 4.28 -16.00
C VAL A 181 -11.28 3.86 -15.15
N LEU A 182 -11.32 2.60 -14.73
CA LEU A 182 -12.43 2.10 -13.92
C LEU A 182 -12.25 2.47 -12.45
N MET A 183 -13.32 3.01 -11.86
CA MET A 183 -13.32 3.46 -10.48
C MET A 183 -13.81 2.42 -9.47
N GLU A 184 -14.22 1.27 -9.96
CA GLU A 184 -14.69 0.20 -9.10
C GLU A 184 -14.17 -1.13 -9.62
N PHE A 185 -14.28 -2.17 -8.81
CA PHE A 185 -13.86 -3.50 -9.21
C PHE A 185 -14.95 -4.05 -10.12
N PRO A 186 -14.58 -4.72 -11.21
CA PRO A 186 -15.53 -5.31 -12.15
C PRO A 186 -16.29 -6.44 -11.45
N LYS A 187 -17.62 -6.42 -11.54
CA LYS A 187 -18.53 -7.35 -10.89
C LYS A 187 -17.92 -8.56 -10.13
N LEU A 200 -20.68 -2.95 -0.33
CA LEU A 200 -19.35 -3.06 0.27
C LEU A 200 -19.43 -3.43 1.74
N SER A 201 -20.37 -2.84 2.47
CA SER A 201 -20.56 -3.06 3.92
C SER A 201 -19.20 -2.92 4.64
N VAL A 202 -18.84 -1.68 4.97
CA VAL A 202 -17.54 -1.38 5.59
C VAL A 202 -17.36 -1.80 7.05
N LYS A 203 -16.28 -2.52 7.32
CA LYS A 203 -15.97 -2.96 8.67
C LYS A 203 -15.58 -1.78 9.56
N MET A 204 -15.70 -1.93 10.86
CA MET A 204 -15.33 -0.88 11.79
C MET A 204 -13.85 -0.98 12.03
N LEU A 205 -13.24 0.13 12.42
CA LEU A 205 -11.83 0.17 12.70
C LEU A 205 -11.44 -0.77 13.85
N LYS A 206 -12.36 -1.03 14.76
CA LYS A 206 -12.09 -1.89 15.91
C LYS A 206 -11.51 -3.24 15.50
N ASP A 207 -11.98 -3.77 14.39
CA ASP A 207 -11.52 -5.07 13.91
C ASP A 207 -10.07 -5.14 13.46
N PHE A 208 -9.44 -3.98 13.33
CA PHE A 208 -8.07 -3.92 12.88
C PHE A 208 -7.12 -3.47 14.00
N LEU A 209 -7.66 -3.15 15.17
CA LEU A 209 -6.82 -2.69 16.30
C LEU A 209 -6.22 -3.88 17.06
N GLU A 210 -5.03 -3.67 17.62
CA GLU A 210 -4.33 -4.72 18.35
C GLU A 210 -4.59 -4.57 19.84
N ASP A 211 -4.97 -5.69 20.46
CA ASP A 211 -5.27 -5.76 21.90
C ASP A 211 -4.07 -5.36 22.72
N ASP A 212 -2.90 -5.85 22.31
CA ASP A 212 -1.67 -5.58 23.03
C ASP A 212 -1.03 -4.21 22.79
N THR A 213 -1.73 -3.33 22.08
CA THR A 213 -1.18 -2.01 21.81
C THR A 213 -0.93 -1.27 23.12
N ASP A 214 0.29 -0.77 23.27
CA ASP A 214 0.67 0.00 24.45
C ASP A 214 0.18 1.43 24.18
N VAL A 215 -1.04 1.72 24.62
CA VAL A 215 -1.66 3.03 24.41
C VAL A 215 -0.76 4.22 24.78
N ASN A 216 -0.22 4.21 25.99
CA ASN A 216 0.65 5.31 26.46
C ASN A 216 1.77 5.66 25.46
N GLN A 217 2.40 4.64 24.89
CA GLN A 217 3.49 4.79 23.93
C GLN A 217 3.07 5.56 22.67
N TYR A 218 1.82 5.36 22.23
CA TYR A 218 1.31 6.00 21.02
C TYR A 218 0.46 7.26 21.19
N LEU A 219 0.24 7.70 22.42
CA LEU A 219 -0.55 8.92 22.63
C LEU A 219 0.13 10.11 21.95
N LEU A 220 -0.64 10.95 21.26
CA LEU A 220 -0.06 12.12 20.64
C LEU A 220 0.46 13.02 21.77
N PRO A 221 1.67 13.58 21.60
CA PRO A 221 2.26 14.46 22.63
C PRO A 221 1.55 15.83 22.72
N PRO A 222 1.63 16.49 23.89
CA PRO A 222 1.03 17.79 24.21
C PRO A 222 1.19 18.90 23.20
N LYS A 223 2.44 19.20 22.83
CA LYS A 223 2.66 20.28 21.87
C LYS A 223 2.03 20.02 20.52
N SER A 224 2.04 18.77 20.09
CA SER A 224 1.44 18.38 18.81
C SER A 224 -0.09 18.54 18.87
N LEU A 225 -0.70 18.20 20.00
CA LEU A 225 -2.14 18.32 20.19
C LEU A 225 -2.57 19.78 20.07
N LEU A 226 -1.86 20.65 20.78
CA LEU A 226 -2.17 22.07 20.76
C LEU A 226 -1.99 22.72 19.39
N ARG A 227 -0.81 22.52 18.79
CA ARG A 227 -0.54 23.11 17.48
C ARG A 227 -1.51 22.65 16.39
N TYR A 228 -1.73 21.34 16.31
CA TYR A 228 -2.59 20.76 15.28
C TYR A 228 -4.02 20.44 15.68
N ALA A 229 -4.39 20.85 16.90
CA ALA A 229 -5.72 20.63 17.47
C ALA A 229 -6.90 20.68 16.49
N LEU A 230 -7.03 21.77 15.74
CA LEU A 230 -8.14 21.95 14.80
C LEU A 230 -7.96 21.27 13.44
N LEU A 231 -6.79 20.70 13.22
CA LEU A 231 -6.47 20.07 11.94
C LEU A 231 -6.39 18.53 12.00
N LEU A 232 -6.83 17.94 13.09
CA LEU A 232 -6.77 16.49 13.23
C LEU A 232 -8.01 15.80 12.67
N ASP A 233 -7.84 14.55 12.21
CA ASP A 233 -8.98 13.79 11.75
C ASP A 233 -9.09 12.74 12.84
N ILE A 234 -10.03 12.95 13.74
CA ILE A 234 -10.22 12.06 14.87
C ILE A 234 -11.27 11.00 14.58
N VAL A 235 -10.92 9.75 14.84
CA VAL A 235 -11.84 8.66 14.62
C VAL A 235 -11.93 7.83 15.90
N GLN A 236 -13.06 7.17 16.09
CA GLN A 236 -13.29 6.30 17.25
C GLN A 236 -13.28 4.86 16.71
N PRO A 237 -13.07 3.86 17.59
CA PRO A 237 -13.04 2.46 17.14
C PRO A 237 -14.25 1.99 16.35
N THR A 238 -15.41 2.58 16.62
CA THR A 238 -16.63 2.18 15.90
C THR A 238 -16.78 2.82 14.53
N ARG A 240 -16.03 3.70 10.55
CA ARG A 240 -15.77 2.84 9.40
C ARG A 240 -15.07 3.61 8.27
N ARG A 241 -14.15 4.50 8.65
CA ARG A 241 -13.39 5.32 7.71
C ARG A 241 -12.15 5.82 8.40
N SER A 242 -11.13 6.17 7.62
CA SER A 242 -9.89 6.73 8.12
C SER A 242 -9.17 7.31 6.91
N VAL A 243 -8.41 8.38 7.12
CA VAL A 243 -7.73 9.00 6.01
C VAL A 243 -6.53 8.16 5.59
N CYS A 244 -6.04 8.41 4.37
CA CYS A 244 -4.90 7.71 3.81
C CYS A 244 -3.64 7.94 4.68
N PHE A 245 -2.91 6.89 4.99
CA PHE A 245 -1.70 6.98 5.79
C PHE A 245 -0.52 7.22 4.85
N THR A 246 0.29 8.24 5.14
CA THR A 246 1.44 8.53 4.30
C THR A 246 2.67 8.03 5.05
N LYS A 247 3.84 8.13 4.41
CA LYS A 247 5.06 7.68 5.05
C LYS A 247 5.46 8.54 6.24
N GLY A 248 4.92 9.74 6.33
CA GLY A 248 5.23 10.62 7.45
C GLY A 248 4.38 10.40 8.71
N TYR A 249 3.36 9.54 8.62
CA TYR A 249 2.48 9.28 9.77
C TYR A 249 3.26 8.91 11.01
N GLY A 250 2.86 9.45 12.16
CA GLY A 250 3.54 9.18 13.40
C GLY A 250 4.68 10.13 13.72
N SER A 251 5.07 10.97 12.75
CA SER A 251 6.14 11.95 12.91
C SER A 251 5.58 13.33 12.62
N TYR A 252 4.95 13.46 11.46
CA TYR A 252 4.31 14.70 11.06
C TYR A 252 2.83 14.47 11.27
N ILE A 253 2.17 15.44 11.88
CA ILE A 253 0.77 15.32 12.20
C ILE A 253 -0.25 15.58 11.09
N GLU A 254 -0.22 16.79 10.55
CA GLU A 254 -1.19 17.20 9.56
C GLU A 254 -1.12 16.51 8.18
N GLY A 255 -2.28 15.99 7.76
CA GLY A 255 -2.45 15.33 6.48
C GLY A 255 -1.81 13.98 6.28
N THR A 256 -1.37 13.31 7.34
CA THR A 256 -0.70 12.03 7.18
C THR A 256 -1.50 10.81 7.62
N GLY A 257 -2.73 11.00 8.12
CA GLY A 257 -3.52 9.87 8.57
C GLY A 257 -4.34 10.24 9.80
N SER A 258 -5.39 9.49 10.05
CA SER A 258 -6.25 9.73 11.20
C SER A 258 -5.61 9.36 12.51
N VAL A 259 -6.09 9.94 13.60
CA VAL A 259 -5.60 9.62 14.92
C VAL A 259 -6.80 9.05 15.65
N LEU A 260 -6.54 8.11 16.55
CA LEU A 260 -7.59 7.39 17.27
C LEU A 260 -7.92 7.85 18.70
N GLN A 261 -9.20 8.15 18.95
CA GLN A 261 -9.66 8.52 20.30
C GLN A 261 -9.84 7.22 21.11
N THR A 262 -9.03 7.05 22.15
CA THR A 262 -9.18 5.85 22.97
C THR A 262 -9.95 6.12 24.28
N ALA A 263 -10.16 7.39 24.62
CA ALA A 263 -10.91 7.71 25.83
C ALA A 263 -12.37 7.51 25.59
N GLU A 264 -13.00 6.80 26.50
CA GLU A 264 -14.42 6.55 26.40
C GLU A 264 -15.15 7.52 27.31
N ASP A 265 -16.42 7.70 27.02
CA ASP A 265 -17.27 8.57 27.81
C ASP A 265 -16.85 10.05 27.81
N VAL A 266 -16.36 10.50 26.65
CA VAL A 266 -15.97 11.89 26.41
C VAL A 266 -16.23 12.12 24.91
N GLN A 267 -16.69 13.32 24.55
CA GLN A 267 -16.97 13.66 23.17
C GLN A 267 -16.03 14.72 22.66
N VAL A 268 -15.56 14.53 21.43
CA VAL A 268 -14.65 15.48 20.81
C VAL A 268 -15.28 16.87 20.85
N GLU A 269 -16.55 16.96 20.46
CA GLU A 269 -17.28 18.21 20.40
C GLU A 269 -17.26 18.99 21.72
N ASN A 270 -17.40 18.29 22.84
CA ASN A 270 -17.40 18.96 24.14
C ASN A 270 -16.01 19.44 24.54
N ILE A 271 -14.99 18.68 24.16
CA ILE A 271 -13.62 19.06 24.47
C ILE A 271 -13.24 20.29 23.63
N TYR A 272 -13.66 20.28 22.37
CA TYR A 272 -13.36 21.39 21.49
C TYR A 272 -14.14 22.66 21.83
N LYS A 273 -15.35 22.51 22.36
CA LYS A 273 -16.16 23.65 22.80
C LYS A 273 -15.43 24.36 23.95
N SER A 274 -14.83 23.56 24.83
CA SER A 274 -14.11 24.07 25.98
C SER A 274 -12.84 24.85 25.68
N LEU A 275 -12.33 24.79 24.44
CA LEU A 275 -11.05 25.45 24.13
C LEU A 275 -11.00 26.96 24.05
N THR A 276 -12.06 27.59 23.51
CA THR A 276 -12.09 29.04 23.39
C THR A 276 -12.12 29.72 24.75
N ASN A 277 -11.11 30.54 25.04
CA ASN A 277 -11.07 31.21 26.33
C ASN A 277 -10.16 30.57 27.36
N LEU A 278 -9.53 29.44 27.03
CA LEU A 278 -8.61 28.77 27.94
C LEU A 278 -7.15 29.11 27.58
N SER A 279 -6.27 29.04 28.57
CA SER A 279 -4.87 29.31 28.33
C SER A 279 -4.32 28.08 27.62
N GLN A 280 -3.25 28.26 26.87
CA GLN A 280 -2.64 27.16 26.16
C GLN A 280 -2.38 25.93 27.03
N GLU A 281 -1.94 26.12 28.27
CA GLU A 281 -1.71 24.97 29.15
C GLU A 281 -3.04 24.30 29.48
N GLU A 282 -4.10 25.11 29.57
CA GLU A 282 -5.46 24.62 29.87
C GLU A 282 -6.03 23.87 28.66
N GLN A 283 -5.76 24.36 27.45
CA GLN A 283 -6.22 23.70 26.22
C GLN A 283 -5.57 22.33 26.09
N ILE A 284 -4.28 22.24 26.44
CA ILE A 284 -3.54 20.98 26.41
C ILE A 284 -4.18 19.98 27.39
N THR A 285 -4.51 20.44 28.59
CA THR A 285 -5.15 19.61 29.60
C THR A 285 -6.43 19.00 29.07
N LYS A 286 -7.22 19.83 28.38
CA LYS A 286 -8.48 19.41 27.78
C LYS A 286 -8.22 18.42 26.63
N LEU A 287 -7.25 18.74 25.78
CA LEU A 287 -6.92 17.89 24.65
C LEU A 287 -6.40 16.51 25.05
N LEU A 288 -5.66 16.42 26.14
CA LEU A 288 -5.13 15.14 26.60
C LEU A 288 -6.24 14.17 27.04
N ILE A 289 -7.38 14.71 27.48
CA ILE A 289 -8.53 13.90 27.92
C ILE A 289 -9.06 12.90 26.88
N LEU A 290 -8.99 13.29 25.60
CA LEU A 290 -9.44 12.45 24.49
C LEU A 290 -8.61 11.20 24.27
N LYS A 291 -7.42 11.19 24.88
CA LYS A 291 -6.48 10.07 24.79
C LYS A 291 -6.28 9.63 23.35
N LEU A 292 -6.04 10.63 22.51
CA LEU A 292 -5.78 10.40 21.10
C LEU A 292 -4.44 9.70 20.94
N ARG A 293 -4.41 8.64 20.14
CA ARG A 293 -3.16 7.93 19.86
C ARG A 293 -3.02 7.61 18.37
N TYR A 294 -1.79 7.32 17.97
CA TYR A 294 -1.52 6.96 16.59
C TYR A 294 -1.88 5.49 16.41
N PHE A 295 -2.34 5.12 15.22
CA PHE A 295 -2.55 3.72 14.94
C PHE A 295 -1.09 3.23 14.93
N THR A 296 -0.85 2.01 15.38
CA THR A 296 0.51 1.47 15.38
C THR A 296 0.87 0.92 13.99
N PRO A 297 2.18 0.74 13.70
CA PRO A 297 2.60 0.20 12.40
C PRO A 297 1.88 -1.13 12.10
N LYS A 298 1.73 -1.99 13.12
CA LYS A 298 1.04 -3.26 12.94
C LYS A 298 -0.43 -3.05 12.59
N GLU A 299 -1.05 -2.03 13.18
CA GLU A 299 -2.46 -1.74 12.90
C GLU A 299 -2.62 -1.20 11.48
N ILE A 300 -1.64 -0.43 11.01
CA ILE A 300 -1.68 0.08 9.64
C ILE A 300 -1.52 -1.12 8.70
N ALA A 301 -0.59 -2.03 9.01
CA ALA A 301 -0.39 -3.24 8.21
C ALA A 301 -1.69 -4.06 8.18
N ASN A 302 -2.42 -4.12 9.30
CA ASN A 302 -3.69 -4.83 9.36
C ASN A 302 -4.69 -4.16 8.39
N LEU A 303 -4.79 -2.82 8.46
CA LEU A 303 -5.66 -2.06 7.58
C LEU A 303 -5.26 -2.22 6.10
N LEU A 304 -3.97 -2.46 5.87
CA LEU A 304 -3.47 -2.66 4.51
C LEU A 304 -3.69 -4.09 4.03
N GLY A 305 -4.19 -4.94 4.91
CA GLY A 305 -4.46 -6.32 4.54
C GLY A 305 -3.32 -7.30 4.72
N PHE A 306 -2.27 -6.90 5.42
CA PHE A 306 -1.14 -7.80 5.65
C PHE A 306 -1.60 -8.94 6.57
N PRO A 307 -1.05 -10.15 6.37
CA PRO A 307 -1.46 -11.27 7.21
C PRO A 307 -1.09 -11.10 8.67
N PRO A 308 -1.73 -11.89 9.53
CA PRO A 308 -1.53 -11.90 10.98
C PRO A 308 -0.06 -12.00 11.44
N GLU A 309 0.70 -12.85 10.78
CA GLU A 309 2.10 -13.07 11.14
C GLU A 309 3.04 -12.01 10.67
N PHE A 310 2.57 -11.11 9.81
CA PHE A 310 3.44 -10.05 9.30
C PHE A 310 4.04 -9.26 10.45
N GLY A 311 5.34 -9.06 10.41
CA GLY A 311 5.98 -8.31 11.46
C GLY A 311 7.27 -7.72 10.97
N PHE A 312 7.96 -7.01 11.86
CA PHE A 312 9.23 -6.35 11.55
C PHE A 312 10.35 -6.82 12.46
N PRO A 313 11.59 -6.78 11.97
CA PRO A 313 12.74 -7.18 12.81
C PRO A 313 12.84 -6.15 13.98
N GLU A 314 13.25 -6.59 15.17
CA GLU A 314 13.37 -5.71 16.35
C GLU A 314 14.14 -4.42 16.10
N LYS A 315 15.17 -4.51 15.27
CA LYS A 315 16.02 -3.38 14.93
C LYS A 315 15.36 -2.26 14.10
N ILE A 316 14.27 -2.59 13.41
CA ILE A 316 13.58 -1.59 12.59
C ILE A 316 12.81 -0.67 13.53
N THR A 317 13.12 0.62 13.45
CA THR A 317 12.49 1.62 14.31
C THR A 317 11.04 1.84 13.95
N VAL A 318 10.28 2.37 14.89
CA VAL A 318 8.86 2.64 14.66
C VAL A 318 8.73 3.60 13.49
N LYS A 319 9.65 4.56 13.39
CA LYS A 319 9.65 5.54 12.33
C LYS A 319 9.86 4.88 10.96
N GLN A 320 10.79 3.92 10.92
CA GLN A 320 11.08 3.19 9.69
C GLN A 320 9.86 2.36 9.30
N ARG A 321 9.19 1.80 10.31
CA ARG A 321 7.99 0.99 10.09
C ARG A 321 6.90 1.80 9.42
N TYR A 322 6.65 3.00 9.94
CA TYR A 322 5.64 3.89 9.35
C TYR A 322 6.04 4.31 7.93
N ARG A 323 7.33 4.57 7.73
CA ARG A 323 7.86 4.95 6.41
C ARG A 323 7.67 3.82 5.39
N LEU A 324 8.01 2.60 5.77
CA LEU A 324 7.86 1.42 4.90
C LEU A 324 6.38 1.11 4.58
N LEU A 325 5.51 1.16 5.58
CA LEU A 325 4.10 0.92 5.35
C LEU A 325 3.47 2.01 4.50
N GLY A 326 3.95 3.24 4.67
CA GLY A 326 3.47 4.37 3.90
C GLY A 326 3.75 4.21 2.42
N ASN A 327 4.84 3.50 2.09
CA ASN A 327 5.23 3.24 0.69
C ASN A 327 4.57 1.97 0.11
N SER A 328 4.00 1.16 0.99
CA SER A 328 3.37 -0.09 0.61
C SER A 328 1.99 0.11 -0.01
N LEU A 329 1.29 -0.99 -0.17
CA LEU A 329 -0.02 -1.00 -0.81
C LEU A 329 -1.02 -1.79 -0.01
N ASN A 330 -2.27 -1.78 -0.46
CA ASN A 330 -3.29 -2.56 0.20
C ASN A 330 -3.30 -3.93 -0.44
N VAL A 331 -2.88 -4.91 0.34
CA VAL A 331 -2.80 -6.28 -0.10
C VAL A 331 -4.13 -6.83 -0.65
N HIS A 332 -5.25 -6.53 0.03
CA HIS A 332 -6.57 -7.01 -0.40
C HIS A 332 -6.96 -6.52 -1.80
N VAL A 333 -6.77 -5.24 -2.07
CA VAL A 333 -7.11 -4.66 -3.38
C VAL A 333 -6.30 -5.30 -4.50
N VAL A 334 -4.98 -5.38 -4.33
CA VAL A 334 -4.14 -5.99 -5.36
C VAL A 334 -4.50 -7.47 -5.55
N ALA A 335 -4.79 -8.17 -4.46
CA ALA A 335 -5.14 -9.59 -4.50
C ALA A 335 -6.39 -9.82 -5.32
N LYS A 336 -7.37 -8.93 -5.17
CA LYS A 336 -8.61 -9.04 -5.92
C LYS A 336 -8.32 -8.78 -7.40
N LEU A 337 -7.47 -7.79 -7.69
CA LEU A 337 -7.12 -7.49 -9.06
C LEU A 337 -6.35 -8.66 -9.70
N ILE A 338 -5.52 -9.35 -8.92
CA ILE A 338 -4.77 -10.49 -9.45
C ILE A 338 -5.77 -11.57 -9.80
N LYS A 339 -6.77 -11.76 -8.94
CA LYS A 339 -7.83 -12.77 -9.20
C LYS A 339 -8.55 -12.43 -10.52
N ILE A 340 -8.86 -11.15 -10.71
CA ILE A 340 -9.53 -10.66 -11.92
C ILE A 340 -8.70 -10.91 -13.17
N LEU A 341 -7.42 -10.56 -13.10
CA LEU A 341 -6.50 -10.72 -14.21
C LEU A 341 -6.27 -12.18 -14.63
N TYR A 342 -6.13 -13.05 -13.64
CA TYR A 342 -5.84 -14.46 -13.89
C TYR A 342 -6.95 -15.34 -14.45
N GLU A 343 -8.17 -15.18 -13.95
CA GLU A 343 -9.23 -16.03 -14.46
C GLU A 343 -10.29 -15.16 -15.06
#